data_4J2V
#
_entry.id   4J2V
#
_cell.length_a   88.880
_cell.length_b   88.880
_cell.length_c   134.340
_cell.angle_alpha   90.00
_cell.angle_beta   90.00
_cell.angle_gamma   120.00
#
_symmetry.space_group_name_H-M   'P 61'
#
loop_
_entity.id
_entity.type
_entity.pdbx_description
1 polymer 'Serum albumin'
2 non-polymer '2-HYDROXY-3,5-DIIODO-BENZOIC ACID'
3 non-polymer 'MALONATE ION'
4 non-polymer 'FORMIC ACID'
5 non-polymer 'ACETATE ION'
6 water water
#
_entity_poly.entity_id   1
_entity_poly.type   'polypeptide(L)'
_entity_poly.pdbx_seq_one_letter_code
;DTHKSEIAHRFNDLGEKHFKGLVLVAFSQYLQQCPFEDHVKLVNEVTEFAKKCAADESAENCDKSLHTLFGDKLCTVATL
RATYGELADCCEKQEPERNECFLTHKDDHPNLPKLKPEPDAQCAAFQEDPDKFLGKYLYEVARRHPYFYGPELLFHAEEY
KADFTECCPADDKLACLIPKLDALKERILLSSAKERLKCSSFQNFGERAVKAWSVARLSQKFPKADFAEVSKIVTDLTKV
HKECCHGDLLECADDRADLAKYICEHQDSISGKLKACCDKPLLQKSHCIAEVKEDDLPSDLPALAADFAEDKEICKHYKD
AKDVFLGTFLYEYSRRHPDYSVSLLLRIAKTYEATLEKCCAEADPPACYRTVFDQFTPLVEEPKSLVKKNCDLFEEVGEY
DFQNALIVRYTKKAPQVSTPTLVEIGRTLGKVGSRCCKLPESERLPCSENHLALALNRLCVLHEKTPVSEKITKCCTDSL
AERRPCFSALELDEGYVPKEFKAETFTFHADICTLPEDEKQIKKQSALAELVKHKPKATKEQLKTVLGNFSAFVAKCCGR
EDKEACFAEEGPKLVASSQLALA
;
_entity_poly.pdbx_strand_id   A
#
loop_
_chem_comp.id
_chem_comp.type
_chem_comp.name
_chem_comp.formula
ACT non-polymer 'ACETATE ION' 'C2 H3 O2 -1'
DIU non-polymer '2-HYDROXY-3,5-DIIODO-BENZOIC ACID' 'C7 H4 I2 O3'
FMT non-polymer 'FORMIC ACID' 'C H2 O2'
MLI non-polymer 'MALONATE ION' 'C3 H2 O4 -2'
#
# COMPACT_ATOMS: atom_id res chain seq x y z
N HIS A 3 -12.81 12.56 26.29
CA HIS A 3 -12.46 11.15 26.47
C HIS A 3 -12.30 10.74 27.94
N LYS A 4 -13.28 11.10 28.78
CA LYS A 4 -13.41 10.53 30.13
C LYS A 4 -13.25 9.02 29.96
N SER A 5 -14.18 8.44 29.22
CA SER A 5 -14.00 7.09 28.75
C SER A 5 -13.72 7.14 27.27
N GLU A 6 -12.46 6.91 26.93
CA GLU A 6 -12.08 6.94 25.55
C GLU A 6 -12.88 5.90 24.73
N ILE A 7 -13.15 4.72 25.30
CA ILE A 7 -13.94 3.76 24.57
C ILE A 7 -15.40 4.21 24.38
N ALA A 8 -15.95 4.87 25.38
CA ALA A 8 -17.28 5.40 25.27
C ALA A 8 -17.27 6.46 24.20
N HIS A 9 -16.24 7.27 24.21
CA HIS A 9 -16.10 8.40 23.32
C HIS A 9 -16.09 7.93 21.90
N ARG A 10 -15.24 6.94 21.62
CA ARG A 10 -15.09 6.43 20.28
C ARG A 10 -16.34 5.72 19.89
N PHE A 11 -16.92 5.01 20.84
CA PHE A 11 -18.16 4.31 20.58
C PHE A 11 -19.24 5.28 20.16
N ASN A 12 -19.37 6.38 20.87
CA ASN A 12 -20.43 7.34 20.64
C ASN A 12 -20.21 8.02 19.31
N ASP A 13 -18.96 8.41 19.10
CA ASP A 13 -18.56 9.13 17.91
C ASP A 13 -18.79 8.33 16.66
N LEU A 14 -18.37 7.07 16.73
CA LEU A 14 -18.29 6.24 15.56
C LEU A 14 -19.58 5.54 15.29
N GLY A 15 -20.31 5.33 16.38
CA GLY A 15 -21.54 4.58 16.39
C GLY A 15 -21.17 3.12 16.33
N GLU A 16 -21.99 2.28 16.94
CA GLU A 16 -21.75 0.85 17.03
C GLU A 16 -21.32 0.13 15.74
N LYS A 17 -21.98 0.39 14.61
CA LYS A 17 -21.61 -0.33 13.39
C LYS A 17 -20.13 -0.06 13.14
N HIS A 18 -19.76 1.20 13.06
CA HIS A 18 -18.41 1.49 12.69
C HIS A 18 -17.46 1.12 13.77
N PHE A 19 -17.83 1.37 15.00
CA PHE A 19 -17.03 1.01 16.12
C PHE A 19 -16.70 -0.48 16.09
N LYS A 20 -17.73 -1.31 16.00
CA LYS A 20 -17.58 -2.76 15.97
C LYS A 20 -16.74 -3.13 14.79
N GLY A 21 -17.00 -2.50 13.67
CA GLY A 21 -16.25 -2.79 12.48
C GLY A 21 -14.79 -2.46 12.68
N LEU A 22 -14.50 -1.37 13.37
CA LEU A 22 -13.13 -0.91 13.43
C LEU A 22 -12.45 -1.72 14.44
N VAL A 23 -13.17 -2.16 15.45
CA VAL A 23 -12.58 -2.93 16.50
C VAL A 23 -12.33 -4.31 15.91
N LEU A 24 -13.21 -4.76 15.05
CA LEU A 24 -13.05 -6.02 14.37
C LEU A 24 -11.82 -5.93 13.50
N VAL A 25 -11.70 -4.83 12.77
CA VAL A 25 -10.59 -4.65 11.89
C VAL A 25 -9.38 -4.69 12.77
N ALA A 26 -9.34 -3.81 13.76
CA ALA A 26 -8.26 -3.73 14.73
C ALA A 26 -7.82 -5.11 15.21
N PHE A 27 -8.75 -5.93 15.64
CA PHE A 27 -8.42 -7.20 16.24
C PHE A 27 -7.96 -8.20 15.21
N SER A 28 -8.70 -8.31 14.13
CA SER A 28 -8.32 -9.08 12.97
C SER A 28 -6.92 -8.74 12.50
N GLN A 29 -6.53 -7.51 12.66
CA GLN A 29 -5.25 -7.06 12.20
C GLN A 29 -4.21 -7.39 13.20
N TYR A 30 -4.58 -7.25 14.46
CA TYR A 30 -3.63 -7.51 15.52
C TYR A 30 -3.49 -8.99 15.70
N LEU A 31 -4.60 -9.69 15.54
CA LEU A 31 -4.62 -11.13 15.70
C LEU A 31 -5.13 -11.71 14.43
N GLN A 32 -4.22 -11.92 13.50
CA GLN A 32 -4.66 -12.26 12.18
C GLN A 32 -5.05 -13.69 12.07
N GLN A 33 -4.65 -14.50 13.04
CA GLN A 33 -4.84 -15.94 12.94
CA GLN A 33 -4.85 -15.94 12.92
C GLN A 33 -6.08 -16.43 13.68
N CYS A 34 -6.54 -15.62 14.63
CA CYS A 34 -7.67 -16.00 15.47
C CYS A 34 -8.90 -16.06 14.58
N PRO A 35 -9.76 -17.09 14.74
CA PRO A 35 -10.83 -17.23 13.77
C PRO A 35 -11.78 -16.05 13.86
N PHE A 36 -12.64 -15.97 12.86
CA PHE A 36 -13.52 -14.86 12.73
C PHE A 36 -14.35 -14.75 13.98
N GLU A 37 -14.95 -15.88 14.37
CA GLU A 37 -15.84 -15.94 15.51
C GLU A 37 -15.16 -15.44 16.78
N ASP A 38 -13.94 -15.92 17.05
CA ASP A 38 -13.15 -15.40 18.16
C ASP A 38 -13.18 -13.89 18.10
N HIS A 39 -12.74 -13.34 16.98
CA HIS A 39 -12.68 -11.88 16.87
C HIS A 39 -14.01 -11.23 17.13
N VAL A 40 -15.07 -11.83 16.61
CA VAL A 40 -16.39 -11.28 16.77
C VAL A 40 -16.75 -11.22 18.24
N LYS A 41 -16.50 -12.29 18.99
CA LYS A 41 -16.76 -12.26 20.41
C LYS A 41 -15.88 -11.21 21.07
N LEU A 42 -14.68 -11.05 20.54
CA LEU A 42 -13.75 -10.06 21.05
C LEU A 42 -14.31 -8.65 20.89
N VAL A 43 -14.96 -8.41 19.76
CA VAL A 43 -15.38 -7.06 19.42
C VAL A 43 -16.71 -6.84 20.05
N ASN A 44 -17.45 -7.91 20.23
CA ASN A 44 -18.73 -7.84 20.88
C ASN A 44 -18.51 -7.53 22.32
N GLU A 45 -17.48 -8.12 22.89
CA GLU A 45 -17.18 -7.93 24.30
C GLU A 45 -16.73 -6.53 24.44
N VAL A 46 -15.93 -6.09 23.48
CA VAL A 46 -15.34 -4.79 23.60
C VAL A 46 -16.43 -3.73 23.39
N THR A 47 -17.38 -4.07 22.56
CA THR A 47 -18.40 -3.16 22.16
C THR A 47 -19.42 -3.08 23.28
N GLU A 48 -19.64 -4.21 23.96
CA GLU A 48 -20.52 -4.31 25.10
C GLU A 48 -19.92 -3.44 26.15
N PHE A 49 -18.61 -3.55 26.30
CA PHE A 49 -17.92 -2.77 27.28
C PHE A 49 -17.96 -1.30 26.90
N ALA A 50 -17.93 -1.02 25.61
CA ALA A 50 -17.88 0.33 25.13
C ALA A 50 -19.23 0.91 25.51
N LYS A 51 -20.26 0.11 25.32
CA LYS A 51 -21.62 0.51 25.60
C LYS A 51 -21.80 0.77 27.08
N LYS A 52 -21.37 -0.17 27.90
CA LYS A 52 -21.41 -0.06 29.36
C LYS A 52 -20.74 1.27 29.76
N CYS A 53 -19.58 1.53 29.16
CA CYS A 53 -18.85 2.77 29.38
C CYS A 53 -19.57 4.01 28.88
N ALA A 54 -20.31 3.88 27.79
CA ALA A 54 -20.97 5.04 27.24
C ALA A 54 -22.15 5.33 28.15
N ALA A 55 -22.63 4.29 28.79
CA ALA A 55 -23.79 4.39 29.63
C ALA A 55 -23.32 5.06 30.89
N ASP A 56 -22.20 4.56 31.41
CA ASP A 56 -21.53 5.15 32.55
C ASP A 56 -20.03 5.15 32.33
N GLU A 57 -19.50 6.33 32.03
CA GLU A 57 -18.07 6.50 31.74
C GLU A 57 -17.18 6.35 32.98
N SER A 58 -17.80 6.25 34.14
CA SER A 58 -17.07 6.16 35.40
C SER A 58 -17.03 4.72 35.87
N ALA A 59 -17.70 3.85 35.10
CA ALA A 59 -17.64 2.41 35.33
C ALA A 59 -16.18 1.97 35.31
N GLU A 60 -15.89 0.88 36.01
CA GLU A 60 -14.51 0.49 36.21
C GLU A 60 -13.89 0.22 34.85
N ASN A 61 -12.62 0.59 34.72
CA ASN A 61 -11.86 0.36 33.50
C ASN A 61 -12.40 1.09 32.27
N CYS A 62 -13.46 1.87 32.40
CA CYS A 62 -13.97 2.58 31.22
C CYS A 62 -13.04 3.70 30.81
N ASP A 63 -12.22 4.15 31.77
CA ASP A 63 -11.25 5.23 31.62
C ASP A 63 -9.90 4.71 31.15
N LYS A 64 -9.76 3.39 31.11
CA LYS A 64 -8.61 2.76 30.49
C LYS A 64 -8.56 3.20 29.04
N SER A 65 -7.36 3.28 28.49
CA SER A 65 -7.19 3.67 27.10
C SER A 65 -7.70 2.57 26.18
N LEU A 66 -8.08 2.98 24.99
CA LEU A 66 -8.56 2.06 23.98
C LEU A 66 -7.55 0.96 23.84
N HIS A 67 -6.31 1.31 23.59
CA HIS A 67 -5.31 0.27 23.56
C HIS A 67 -5.16 -0.52 24.84
N THR A 68 -5.30 0.06 26.01
CA THR A 68 -5.31 -0.80 27.17
C THR A 68 -6.47 -1.79 27.04
N LEU A 69 -7.62 -1.29 26.60
CA LEU A 69 -8.85 -2.09 26.62
C LEU A 69 -8.80 -3.23 25.62
N PHE A 70 -8.49 -2.86 24.40
CA PHE A 70 -8.46 -3.75 23.29
C PHE A 70 -7.29 -4.63 23.42
N GLY A 71 -6.19 -4.08 23.88
CA GLY A 71 -5.00 -4.85 24.04
C GLY A 71 -5.38 -5.93 25.02
N ASP A 72 -6.04 -5.55 26.09
CA ASP A 72 -6.43 -6.54 27.08
C ASP A 72 -7.31 -7.61 26.47
N LYS A 73 -8.26 -7.16 25.65
CA LYS A 73 -9.21 -8.07 25.05
C LYS A 73 -8.47 -9.07 24.19
N LEU A 74 -7.53 -8.56 23.43
CA LEU A 74 -6.69 -9.36 22.56
C LEU A 74 -5.98 -10.39 23.41
N CYS A 75 -5.44 -9.92 24.53
CA CYS A 75 -4.61 -10.74 25.38
C CYS A 75 -5.39 -11.82 26.11
N THR A 76 -6.70 -11.65 26.11
CA THR A 76 -7.56 -12.69 26.64
C THR A 76 -7.88 -13.75 25.60
N VAL A 77 -7.46 -13.62 24.33
CA VAL A 77 -7.95 -14.58 23.33
C VAL A 77 -7.52 -15.99 23.59
N ALA A 78 -8.42 -16.92 23.25
CA ALA A 78 -8.19 -18.33 23.41
C ALA A 78 -6.93 -18.69 22.66
N THR A 79 -6.04 -19.40 23.37
CA THR A 79 -4.83 -19.95 22.78
C THR A 79 -3.97 -18.84 22.19
N LEU A 80 -3.84 -17.77 22.94
CA LEU A 80 -3.04 -16.69 22.45
C LEU A 80 -1.59 -17.17 22.33
N ARG A 81 -1.12 -18.04 23.21
CA ARG A 81 0.29 -18.40 23.09
C ARG A 81 0.56 -19.47 22.05
N ALA A 82 -0.34 -20.43 21.92
CA ALA A 82 -0.22 -21.45 20.88
C ALA A 82 -0.43 -20.83 19.52
N THR A 83 -1.47 -20.02 19.37
CA THR A 83 -1.73 -19.39 18.09
C THR A 83 -0.71 -18.27 17.75
N TYR A 84 -0.32 -17.48 18.76
CA TYR A 84 0.63 -16.35 18.64
C TYR A 84 1.70 -16.33 19.74
N GLY A 85 2.64 -17.26 19.66
CA GLY A 85 3.75 -17.32 20.57
C GLY A 85 4.55 -16.03 20.70
N GLU A 86 4.35 -15.12 19.77
CA GLU A 86 5.07 -13.86 19.80
C GLU A 86 4.27 -12.87 20.60
N LEU A 87 2.97 -12.92 20.37
CA LEU A 87 2.05 -11.94 20.89
C LEU A 87 1.75 -12.20 22.35
N ALA A 88 1.98 -13.43 22.78
CA ALA A 88 1.97 -13.74 24.21
C ALA A 88 2.76 -12.70 25.03
N ASP A 89 4.04 -12.57 24.67
CA ASP A 89 4.90 -11.60 25.32
C ASP A 89 4.35 -10.20 25.27
N CYS A 90 3.71 -9.84 24.15
CA CYS A 90 3.06 -8.55 24.06
C CYS A 90 2.07 -8.45 25.18
N CYS A 91 1.33 -9.53 25.39
CA CYS A 91 0.30 -9.50 26.40
C CYS A 91 0.85 -9.38 27.80
N GLU A 92 2.09 -9.81 27.96
CA GLU A 92 2.81 -9.49 29.19
C GLU A 92 2.99 -7.97 29.35
N LYS A 93 3.02 -7.24 28.23
CA LYS A 93 3.40 -5.83 28.26
C LYS A 93 2.24 -4.88 28.54
N GLN A 94 2.57 -3.75 29.13
CA GLN A 94 1.57 -2.75 29.38
C GLN A 94 1.55 -1.87 28.17
N GLU A 95 0.54 -1.03 28.11
CA GLU A 95 0.47 -0.09 27.03
C GLU A 95 1.35 1.10 27.41
N PRO A 96 1.94 1.75 26.39
CA PRO A 96 1.79 1.44 24.96
C PRO A 96 2.71 0.35 24.48
N GLU A 97 3.65 -0.10 25.32
CA GLU A 97 4.59 -1.17 24.96
C GLU A 97 3.82 -2.33 24.38
N ARG A 98 2.70 -2.69 25.01
CA ARG A 98 1.97 -3.82 24.52
C ARG A 98 1.52 -3.58 23.12
N ASN A 99 0.85 -2.46 22.89
CA ASN A 99 0.42 -2.19 21.56
C ASN A 99 1.57 -2.16 20.59
N GLU A 100 2.69 -1.61 21.03
CA GLU A 100 3.82 -1.47 20.15
C GLU A 100 4.27 -2.86 19.76
N CYS A 101 4.07 -3.80 20.68
CA CYS A 101 4.50 -5.17 20.51
C CYS A 101 3.57 -5.86 19.53
N PHE A 102 2.29 -5.69 19.74
CA PHE A 102 1.34 -6.24 18.82
C PHE A 102 1.60 -5.74 17.41
N LEU A 103 1.87 -4.45 17.32
CA LEU A 103 2.11 -3.80 16.07
C LEU A 103 3.26 -4.48 15.42
N THR A 104 4.33 -4.56 16.19
CA THR A 104 5.56 -5.14 15.74
C THR A 104 5.27 -6.51 15.21
N HIS A 105 4.32 -7.19 15.82
CA HIS A 105 4.09 -8.56 15.43
C HIS A 105 2.93 -8.69 14.46
N LYS A 106 2.41 -7.57 14.00
CA LYS A 106 1.57 -7.62 12.83
C LYS A 106 2.28 -8.32 11.67
N ASP A 107 1.49 -9.12 10.98
CA ASP A 107 2.00 -10.00 9.99
C ASP A 107 1.50 -9.49 8.67
N ASP A 108 2.41 -8.87 7.97
CA ASP A 108 2.16 -8.29 6.68
C ASP A 108 2.07 -9.28 5.57
N HIS A 109 2.43 -10.50 5.88
CA HIS A 109 2.31 -11.52 4.90
C HIS A 109 1.74 -12.72 5.53
N PRO A 110 0.48 -12.63 5.97
CA PRO A 110 0.00 -13.78 6.71
C PRO A 110 -0.13 -14.95 5.74
N ASN A 111 -0.30 -14.62 4.46
CA ASN A 111 -0.42 -15.61 3.41
C ASN A 111 -1.57 -16.53 3.69
N LEU A 112 -2.67 -15.89 4.10
CA LEU A 112 -3.92 -16.56 4.35
C LEU A 112 -4.50 -17.03 3.04
N PRO A 113 -5.52 -17.92 3.10
CA PRO A 113 -6.05 -18.41 1.82
C PRO A 113 -6.50 -17.23 1.00
N LYS A 114 -6.38 -17.37 -0.32
CA LYS A 114 -6.80 -16.30 -1.19
C LYS A 114 -8.29 -16.12 -1.04
N LEU A 115 -8.68 -14.89 -0.72
CA LEU A 115 -10.07 -14.54 -0.72
C LEU A 115 -10.58 -14.82 -2.12
N LYS A 116 -11.29 -15.93 -2.24
CA LYS A 116 -11.94 -16.28 -3.47
C LYS A 116 -13.44 -16.30 -3.23
N PRO A 117 -14.19 -15.78 -4.19
CA PRO A 117 -15.64 -15.73 -4.06
C PRO A 117 -16.11 -17.15 -3.95
N GLU A 118 -17.07 -17.37 -3.09
CA GLU A 118 -17.83 -18.60 -3.10
C GLU A 118 -19.25 -18.07 -3.14
N PRO A 119 -19.62 -17.44 -4.29
CA PRO A 119 -20.77 -16.55 -4.42
C PRO A 119 -22.04 -17.25 -3.99
N ASP A 120 -22.17 -18.53 -4.26
CA ASP A 120 -23.30 -19.23 -3.70
C ASP A 120 -23.22 -19.24 -2.16
N ALA A 121 -22.18 -19.90 -1.62
CA ALA A 121 -22.03 -20.02 -0.18
C ALA A 121 -21.89 -18.67 0.51
N GLN A 122 -21.28 -17.72 -0.17
CA GLN A 122 -21.09 -16.41 0.41
C GLN A 122 -22.33 -15.56 0.38
N CYS A 123 -23.08 -15.59 -0.71
CA CYS A 123 -24.35 -14.89 -0.73
C CYS A 123 -25.25 -15.50 0.30
N ALA A 124 -25.17 -16.82 0.41
CA ALA A 124 -25.91 -17.56 1.40
C ALA A 124 -25.59 -16.97 2.73
N ALA A 125 -24.30 -16.84 3.04
CA ALA A 125 -23.90 -16.36 4.36
C ALA A 125 -24.15 -14.86 4.55
N PHE A 126 -24.37 -14.19 3.42
CA PHE A 126 -24.58 -12.76 3.40
C PHE A 126 -26.05 -12.46 3.66
N GLN A 127 -26.86 -13.44 3.33
CA GLN A 127 -28.29 -13.36 3.56
C GLN A 127 -28.57 -13.89 4.95
N GLU A 128 -27.86 -14.93 5.35
CA GLU A 128 -28.07 -15.54 6.67
C GLU A 128 -27.78 -14.53 7.77
N ASP A 129 -26.70 -13.78 7.58
CA ASP A 129 -26.43 -12.61 8.41
C ASP A 129 -25.55 -11.67 7.64
N PRO A 130 -26.06 -10.57 7.12
CA PRO A 130 -25.20 -9.71 6.33
C PRO A 130 -24.17 -9.05 7.22
N ASP A 131 -24.48 -8.90 8.50
CA ASP A 131 -23.56 -8.26 9.42
C ASP A 131 -22.42 -9.21 9.76
N LYS A 132 -22.72 -10.51 9.83
CA LYS A 132 -21.70 -11.50 10.17
C LYS A 132 -20.85 -11.68 8.93
N PHE A 133 -21.46 -11.46 7.78
CA PHE A 133 -20.74 -11.66 6.54
C PHE A 133 -19.82 -10.47 6.23
N LEU A 134 -20.30 -9.26 6.45
CA LEU A 134 -19.46 -8.08 6.18
C LEU A 134 -18.46 -8.01 7.28
N GLY A 135 -18.88 -8.39 8.47
CA GLY A 135 -17.93 -8.51 9.55
C GLY A 135 -16.83 -9.45 9.09
N LYS A 136 -17.23 -10.59 8.55
CA LYS A 136 -16.29 -11.63 8.18
C LYS A 136 -15.33 -11.04 7.18
N TYR A 137 -15.88 -10.22 6.29
CA TYR A 137 -15.11 -9.53 5.30
C TYR A 137 -14.06 -8.61 5.89
N LEU A 138 -14.48 -7.81 6.85
CA LEU A 138 -13.62 -6.91 7.59
C LEU A 138 -12.50 -7.73 8.19
N TYR A 139 -12.86 -8.74 8.95
CA TYR A 139 -11.91 -9.71 9.47
C TYR A 139 -10.92 -10.23 8.43
N GLU A 140 -11.40 -10.67 7.29
CA GLU A 140 -10.57 -11.36 6.31
C GLU A 140 -9.59 -10.41 5.73
N VAL A 141 -10.11 -9.26 5.34
CA VAL A 141 -9.28 -8.28 4.67
C VAL A 141 -8.31 -7.72 5.68
N ALA A 142 -8.83 -7.32 6.83
CA ALA A 142 -8.04 -6.77 7.92
C ALA A 142 -6.91 -7.70 8.32
N ARG A 143 -7.21 -8.98 8.45
CA ARG A 143 -6.18 -9.85 8.94
C ARG A 143 -5.19 -10.14 7.85
N ARG A 144 -5.63 -10.02 6.59
CA ARG A 144 -4.72 -10.16 5.46
C ARG A 144 -3.86 -8.93 5.30
N HIS A 145 -4.31 -7.85 5.92
CA HIS A 145 -3.72 -6.54 5.72
C HIS A 145 -3.74 -5.85 7.03
N PRO A 146 -2.84 -6.24 7.91
CA PRO A 146 -3.04 -5.81 9.28
C PRO A 146 -2.83 -4.33 9.46
N TYR A 147 -2.45 -3.61 8.41
CA TYR A 147 -2.36 -2.18 8.52
C TYR A 147 -3.36 -1.57 7.63
N PHE A 148 -4.23 -2.40 7.07
CA PHE A 148 -5.31 -1.83 6.30
C PHE A 148 -5.92 -0.70 7.05
N TYR A 149 -6.07 0.39 6.35
CA TYR A 149 -6.75 1.56 6.84
C TYR A 149 -8.15 1.17 7.35
N GLY A 150 -8.33 1.06 8.66
CA GLY A 150 -9.58 0.62 9.25
C GLY A 150 -10.85 1.25 8.69
N PRO A 151 -10.94 2.59 8.73
CA PRO A 151 -12.17 3.20 8.23
C PRO A 151 -12.35 2.88 6.78
N GLU A 152 -11.25 2.78 6.05
CA GLU A 152 -11.32 2.50 4.63
C GLU A 152 -11.79 1.10 4.47
N LEU A 153 -11.40 0.22 5.36
CA LEU A 153 -11.85 -1.12 5.26
C LEU A 153 -13.33 -1.12 5.46
N LEU A 154 -13.85 -0.28 6.37
CA LEU A 154 -15.26 -0.28 6.63
C LEU A 154 -15.94 0.19 5.37
N PHE A 155 -15.30 1.17 4.73
CA PHE A 155 -15.81 1.69 3.51
C PHE A 155 -15.92 0.55 2.49
N HIS A 156 -14.87 -0.25 2.42
CA HIS A 156 -14.81 -1.28 1.41
C HIS A 156 -15.78 -2.33 1.75
N ALA A 157 -16.06 -2.49 3.04
CA ALA A 157 -17.03 -3.45 3.53
C ALA A 157 -18.34 -3.03 2.97
N GLU A 158 -18.55 -1.72 2.91
CA GLU A 158 -19.77 -1.21 2.33
C GLU A 158 -19.81 -1.56 0.87
N GLU A 159 -18.73 -1.29 0.16
CA GLU A 159 -18.71 -1.70 -1.25
C GLU A 159 -19.01 -3.19 -1.46
N TYR A 160 -18.49 -3.98 -0.54
CA TYR A 160 -18.45 -5.41 -0.64
C TYR A 160 -19.87 -5.87 -0.44
N LYS A 161 -20.49 -5.27 0.57
CA LYS A 161 -21.91 -5.44 0.85
C LYS A 161 -22.67 -5.11 -0.40
N ALA A 162 -22.38 -3.98 -1.03
CA ALA A 162 -23.16 -3.53 -2.18
C ALA A 162 -23.04 -4.57 -3.29
N ASP A 163 -21.87 -5.20 -3.34
CA ASP A 163 -21.56 -6.24 -4.30
C ASP A 163 -22.42 -7.46 -4.06
N PHE A 164 -22.55 -7.84 -2.80
CA PHE A 164 -23.38 -8.98 -2.46
C PHE A 164 -24.87 -8.61 -2.46
N THR A 165 -25.16 -7.32 -2.53
CA THR A 165 -26.52 -6.86 -2.52
C THR A 165 -26.98 -6.91 -3.95
N GLU A 166 -26.05 -6.61 -4.85
CA GLU A 166 -26.39 -6.46 -6.24
C GLU A 166 -26.37 -7.83 -6.86
N CYS A 167 -25.41 -8.63 -6.45
CA CYS A 167 -25.17 -9.87 -7.18
C CYS A 167 -25.87 -11.08 -6.61
N CYS A 168 -26.10 -11.10 -5.32
CA CYS A 168 -26.63 -12.30 -4.72
C CYS A 168 -28.01 -12.61 -5.25
N PRO A 169 -28.89 -11.60 -5.33
CA PRO A 169 -30.18 -11.90 -5.98
C PRO A 169 -30.05 -12.18 -7.48
N ALA A 170 -28.98 -11.69 -8.11
CA ALA A 170 -28.81 -11.79 -9.57
C ALA A 170 -28.83 -13.24 -10.12
N ASP A 171 -29.04 -13.38 -11.43
CA ASP A 171 -28.99 -14.71 -12.04
C ASP A 171 -27.59 -15.30 -11.98
N ASP A 172 -26.66 -14.78 -12.77
CA ASP A 172 -25.28 -15.18 -12.60
C ASP A 172 -24.75 -14.36 -11.46
N LYS A 173 -25.02 -14.84 -10.25
CA LYS A 173 -24.52 -14.16 -9.08
C LYS A 173 -22.99 -14.23 -9.12
N LEU A 174 -22.48 -15.38 -9.56
CA LEU A 174 -21.04 -15.58 -9.59
C LEU A 174 -20.42 -14.57 -10.56
N ALA A 175 -21.01 -14.35 -11.72
CA ALA A 175 -20.40 -13.44 -12.68
C ALA A 175 -20.75 -11.98 -12.43
N CYS A 176 -21.77 -11.76 -11.63
CA CYS A 176 -22.09 -10.40 -11.22
C CYS A 176 -21.10 -10.04 -10.14
N LEU A 177 -20.76 -11.01 -9.31
CA LEU A 177 -20.06 -10.77 -8.06
C LEU A 177 -18.53 -10.85 -8.18
N ILE A 178 -18.05 -11.95 -8.73
CA ILE A 178 -16.63 -12.18 -8.87
C ILE A 178 -15.89 -10.98 -9.44
N PRO A 179 -16.35 -10.39 -10.57
CA PRO A 179 -15.64 -9.21 -11.08
C PRO A 179 -15.69 -8.06 -10.09
N LYS A 180 -16.79 -7.92 -9.37
CA LYS A 180 -16.86 -6.86 -8.38
C LYS A 180 -15.87 -7.20 -7.29
N LEU A 181 -15.89 -8.44 -6.82
CA LEU A 181 -15.03 -8.81 -5.72
C LEU A 181 -13.58 -8.70 -6.19
N ASP A 182 -13.30 -9.15 -7.42
CA ASP A 182 -11.97 -9.05 -8.00
C ASP A 182 -11.52 -7.57 -8.06
N ALA A 183 -12.40 -6.69 -8.53
CA ALA A 183 -12.09 -5.26 -8.62
C ALA A 183 -11.91 -4.74 -7.21
N LEU A 184 -12.75 -5.24 -6.32
CA LEU A 184 -12.69 -4.85 -4.93
C LEU A 184 -11.38 -5.30 -4.28
N LYS A 185 -10.98 -6.54 -4.55
CA LYS A 185 -9.69 -6.99 -4.05
C LYS A 185 -8.62 -6.09 -4.62
N GLU A 186 -8.74 -5.69 -5.88
CA GLU A 186 -7.65 -4.87 -6.41
C GLU A 186 -7.69 -3.59 -5.66
N ARG A 187 -8.88 -3.10 -5.39
CA ARG A 187 -8.93 -1.84 -4.69
C ARG A 187 -8.42 -2.01 -3.29
N ILE A 188 -8.74 -3.15 -2.70
CA ILE A 188 -8.27 -3.49 -1.37
C ILE A 188 -6.77 -3.56 -1.34
N LEU A 189 -6.21 -4.27 -2.31
CA LEU A 189 -4.80 -4.52 -2.29
C LEU A 189 -4.14 -3.21 -2.45
N LEU A 190 -4.70 -2.39 -3.30
CA LEU A 190 -4.05 -1.16 -3.60
C LEU A 190 -4.15 -0.28 -2.35
N SER A 191 -5.33 -0.23 -1.78
CA SER A 191 -5.54 0.61 -0.62
C SER A 191 -4.66 0.11 0.52
N SER A 192 -4.57 -1.21 0.66
CA SER A 192 -3.78 -1.79 1.73
C SER A 192 -2.38 -1.32 1.50
N ALA A 193 -1.94 -1.40 0.26
CA ALA A 193 -0.60 -1.02 -0.03
C ALA A 193 -0.42 0.46 0.25
N LYS A 194 -1.40 1.27 -0.12
CA LYS A 194 -1.29 2.71 0.12
C LYS A 194 -1.10 2.95 1.59
N GLU A 195 -1.93 2.28 2.36
CA GLU A 195 -1.93 2.55 3.76
C GLU A 195 -0.72 1.94 4.39
N ARG A 196 -0.30 0.81 3.88
CA ARG A 196 0.83 0.12 4.47
C ARG A 196 2.00 1.04 4.28
N LEU A 197 2.02 1.70 3.14
CA LEU A 197 3.08 2.63 2.84
C LEU A 197 3.04 3.70 3.90
N LYS A 198 1.84 4.19 4.21
CA LYS A 198 1.72 5.24 5.16
C LYS A 198 2.27 4.73 6.47
N CYS A 199 1.90 3.52 6.84
CA CYS A 199 2.31 3.01 8.12
C CYS A 199 3.79 2.75 8.08
N SER A 200 4.23 2.23 6.94
CA SER A 200 5.65 1.93 6.80
C SER A 200 6.42 3.21 6.90
N SER A 201 5.83 4.26 6.36
CA SER A 201 6.52 5.53 6.38
C SER A 201 6.65 6.04 7.79
N PHE A 202 5.58 5.99 8.57
CA PHE A 202 5.70 6.32 9.99
C PHE A 202 6.71 5.47 10.64
N GLN A 203 6.58 4.18 10.35
CA GLN A 203 7.35 3.20 11.02
C GLN A 203 8.78 3.37 10.67
N ASN A 204 9.05 3.60 9.40
CA ASN A 204 10.44 3.50 9.01
C ASN A 204 11.08 4.84 8.85
N PHE A 205 10.27 5.87 8.68
CA PHE A 205 10.80 7.18 8.35
C PHE A 205 10.22 8.26 9.21
N GLY A 206 9.15 7.91 9.88
CA GLY A 206 8.63 8.80 10.86
C GLY A 206 7.58 9.68 10.24
N GLU A 207 6.96 10.36 11.16
CA GLU A 207 5.85 11.18 10.85
C GLU A 207 6.24 12.34 9.96
N ARG A 208 7.49 12.79 10.03
CA ARG A 208 7.85 13.92 9.23
C ARG A 208 7.82 13.45 7.80
N ALA A 209 8.27 12.23 7.54
CA ALA A 209 8.30 11.70 6.20
C ALA A 209 6.88 11.62 5.69
N VAL A 210 5.98 11.21 6.58
CA VAL A 210 4.59 11.01 6.20
C VAL A 210 3.95 12.32 5.95
N LYS A 211 4.38 13.30 6.71
CA LYS A 211 3.82 14.61 6.54
C LYS A 211 4.31 15.15 5.23
N ALA A 212 5.57 14.94 4.89
CA ALA A 212 6.16 15.54 3.71
C ALA A 212 5.42 14.91 2.56
N TRP A 213 5.28 13.61 2.64
CA TRP A 213 4.53 12.90 1.65
C TRP A 213 3.11 13.46 1.52
N SER A 214 2.43 13.65 2.62
CA SER A 214 1.07 14.06 2.57
C SER A 214 1.01 15.46 2.09
N VAL A 215 2.06 16.21 2.34
CA VAL A 215 2.07 17.61 2.01
C VAL A 215 2.15 17.62 0.52
N ALA A 216 3.05 16.83 -0.04
CA ALA A 216 3.26 16.77 -1.47
C ALA A 216 1.97 16.34 -2.12
N ARG A 217 1.43 15.26 -1.59
CA ARG A 217 0.28 14.61 -2.17
C ARG A 217 -0.93 15.51 -2.14
N LEU A 218 -1.17 16.09 -0.98
CA LEU A 218 -2.36 16.90 -0.73
C LEU A 218 -2.19 18.16 -1.50
N SER A 219 -0.96 18.58 -1.63
CA SER A 219 -0.72 19.76 -2.41
C SER A 219 -1.11 19.47 -3.84
N GLN A 220 -0.72 18.32 -4.37
CA GLN A 220 -1.17 17.95 -5.70
C GLN A 220 -2.68 17.84 -5.74
N LYS A 221 -3.26 17.26 -4.70
CA LYS A 221 -4.66 16.93 -4.70
C LYS A 221 -5.43 18.19 -4.54
N PHE A 222 -4.91 19.06 -3.70
CA PHE A 222 -5.60 20.27 -3.39
C PHE A 222 -4.73 21.42 -3.73
N PRO A 223 -4.38 21.56 -5.02
CA PRO A 223 -3.44 22.62 -5.33
C PRO A 223 -4.00 24.02 -5.00
N LYS A 224 -5.33 24.15 -4.92
CA LYS A 224 -5.95 25.44 -4.68
C LYS A 224 -5.94 25.79 -3.22
N ALA A 225 -5.84 24.78 -2.39
CA ALA A 225 -5.86 24.98 -0.98
C ALA A 225 -4.58 25.71 -0.68
N ASP A 226 -4.63 26.65 0.24
CA ASP A 226 -3.41 27.29 0.60
C ASP A 226 -2.61 26.40 1.57
N PHE A 227 -1.36 26.79 1.78
CA PHE A 227 -0.45 25.98 2.51
C PHE A 227 -0.93 25.70 3.90
N ALA A 228 -1.46 26.70 4.58
CA ALA A 228 -1.95 26.49 5.93
C ALA A 228 -2.99 25.38 5.92
N GLU A 229 -3.76 25.33 4.85
CA GLU A 229 -4.86 24.42 4.72
C GLU A 229 -4.33 23.03 4.47
N VAL A 230 -3.44 22.91 3.49
CA VAL A 230 -2.82 21.62 3.24
C VAL A 230 -2.17 21.16 4.51
N SER A 231 -1.48 22.05 5.22
CA SER A 231 -0.76 21.70 6.43
C SER A 231 -1.70 21.20 7.45
N LYS A 232 -2.85 21.84 7.55
CA LYS A 232 -3.77 21.51 8.60
C LYS A 232 -4.24 20.14 8.27
N ILE A 233 -4.54 19.92 7.00
CA ILE A 233 -5.13 18.66 6.60
C ILE A 233 -4.11 17.57 6.70
N VAL A 234 -2.86 17.88 6.44
CA VAL A 234 -1.77 16.93 6.44
C VAL A 234 -1.51 16.62 7.90
N THR A 235 -1.62 17.60 8.75
CA THR A 235 -1.38 17.41 10.14
C THR A 235 -2.41 16.41 10.61
N ASP A 236 -3.65 16.64 10.22
CA ASP A 236 -4.73 15.84 10.73
C ASP A 236 -4.70 14.49 10.13
N LEU A 237 -4.43 14.44 8.85
CA LEU A 237 -4.43 13.23 8.12
C LEU A 237 -3.29 12.39 8.59
N THR A 238 -2.17 13.03 8.90
CA THR A 238 -1.02 12.31 9.37
C THR A 238 -1.39 11.77 10.70
N LYS A 239 -2.11 12.53 11.48
CA LYS A 239 -2.52 12.01 12.78
C LYS A 239 -3.41 10.79 12.56
N VAL A 240 -4.28 10.87 11.58
CA VAL A 240 -5.26 9.85 11.31
C VAL A 240 -4.53 8.59 10.92
N HIS A 241 -3.58 8.74 10.01
CA HIS A 241 -2.80 7.64 9.54
C HIS A 241 -1.91 7.12 10.61
N LYS A 242 -1.37 8.01 11.40
CA LYS A 242 -0.51 7.63 12.50
C LYS A 242 -1.27 6.74 13.43
N GLU A 243 -2.50 7.12 13.69
CA GLU A 243 -3.31 6.42 14.62
C GLU A 243 -3.71 5.11 14.06
N CYS A 244 -4.07 5.13 12.79
CA CYS A 244 -4.53 3.92 12.12
C CYS A 244 -3.39 2.93 12.09
N CYS A 245 -2.18 3.44 11.84
CA CYS A 245 -1.01 2.61 11.62
C CYS A 245 -0.54 2.06 12.95
N HIS A 246 -0.71 2.90 13.96
CA HIS A 246 -0.35 2.54 15.31
C HIS A 246 -1.50 1.73 15.90
N GLY A 247 -2.52 1.51 15.08
CA GLY A 247 -3.55 0.57 15.43
C GLY A 247 -4.63 1.25 16.23
N ASP A 248 -4.45 2.55 16.45
CA ASP A 248 -5.50 3.32 17.11
C ASP A 248 -6.63 3.50 16.13
N LEU A 249 -7.38 2.45 15.80
CA LEU A 249 -8.29 2.55 14.66
C LEU A 249 -9.51 3.39 14.99
N LEU A 250 -9.92 3.38 16.25
CA LEU A 250 -11.11 4.13 16.60
C LEU A 250 -10.79 5.58 16.50
N GLU A 251 -9.67 5.97 17.11
CA GLU A 251 -9.21 7.34 17.08
C GLU A 251 -8.89 7.69 15.68
N CYS A 252 -8.29 6.76 14.98
CA CYS A 252 -7.99 7.08 13.61
C CYS A 252 -9.28 7.36 12.83
N ALA A 253 -10.31 6.63 13.11
CA ALA A 253 -11.45 6.66 12.25
C ALA A 253 -12.16 7.91 12.62
N ASP A 254 -12.08 8.24 13.88
CA ASP A 254 -12.87 9.30 14.44
C ASP A 254 -12.27 10.58 13.93
N ASP A 255 -10.95 10.58 13.91
CA ASP A 255 -10.19 11.73 13.47
C ASP A 255 -10.25 11.86 11.98
N ARG A 256 -10.39 10.74 11.30
CA ARG A 256 -10.56 10.72 9.89
C ARG A 256 -11.90 11.33 9.57
N ALA A 257 -12.90 11.03 10.39
CA ALA A 257 -14.24 11.47 10.15
C ALA A 257 -14.16 12.95 10.33
N ASP A 258 -13.43 13.34 11.37
CA ASP A 258 -13.27 14.74 11.67
C ASP A 258 -12.59 15.46 10.54
N LEU A 259 -11.57 14.84 9.99
CA LEU A 259 -10.84 15.41 8.91
C LEU A 259 -11.72 15.58 7.70
N ALA A 260 -12.49 14.56 7.38
CA ALA A 260 -13.41 14.59 6.27
C ALA A 260 -14.38 15.73 6.44
N LYS A 261 -14.87 15.86 7.67
CA LYS A 261 -15.81 16.90 8.02
C LYS A 261 -15.20 18.26 7.83
N TYR A 262 -13.94 18.38 8.22
CA TYR A 262 -13.22 19.61 8.15
C TYR A 262 -13.04 19.98 6.69
N ILE A 263 -12.61 19.01 5.93
CA ILE A 263 -12.24 19.17 4.55
C ILE A 263 -13.47 19.57 3.79
N CYS A 264 -14.55 18.86 4.06
CA CYS A 264 -15.82 19.17 3.44
C CYS A 264 -16.34 20.51 3.91
N GLU A 265 -16.11 20.85 5.19
CA GLU A 265 -16.51 22.18 5.66
CA GLU A 265 -16.49 22.18 5.69
C GLU A 265 -15.72 23.23 4.91
N HIS A 266 -14.53 22.86 4.44
CA HIS A 266 -13.65 23.80 3.75
C HIS A 266 -13.35 23.46 2.31
N GLN A 267 -14.25 22.71 1.69
CA GLN A 267 -13.99 22.21 0.36
C GLN A 267 -13.71 23.32 -0.66
N ASP A 268 -14.35 24.46 -0.50
CA ASP A 268 -14.05 25.57 -1.37
C ASP A 268 -12.67 26.17 -1.03
N SER A 269 -12.21 25.96 0.21
CA SER A 269 -10.89 26.44 0.59
C SER A 269 -9.91 25.36 0.15
N ILE A 270 -10.41 24.18 -0.23
CA ILE A 270 -9.53 23.03 -0.39
C ILE A 270 -9.46 22.50 -1.81
N SER A 271 -10.61 22.13 -2.37
CA SER A 271 -10.63 21.67 -3.75
C SER A 271 -12.05 21.59 -4.20
N GLY A 272 -12.30 21.90 -5.48
CA GLY A 272 -13.60 21.71 -6.07
C GLY A 272 -13.95 20.25 -6.29
N LYS A 273 -12.96 19.36 -6.19
CA LYS A 273 -13.22 17.95 -6.51
C LYS A 273 -13.83 17.27 -5.32
N LEU A 274 -13.97 18.01 -4.24
CA LEU A 274 -14.44 17.45 -3.00
C LEU A 274 -15.92 17.40 -2.94
N LYS A 275 -16.58 18.20 -3.75
CA LYS A 275 -18.01 18.37 -3.59
C LYS A 275 -18.69 17.04 -3.64
N ALA A 276 -18.29 16.22 -4.59
CA ALA A 276 -18.86 14.89 -4.70
C ALA A 276 -18.56 14.07 -3.45
N CYS A 277 -17.36 14.23 -2.90
CA CYS A 277 -17.02 13.46 -1.72
C CYS A 277 -17.83 13.92 -0.53
N CYS A 278 -18.06 15.21 -0.43
CA CYS A 278 -18.66 15.76 0.77
C CYS A 278 -20.15 15.58 0.81
N ASP A 279 -20.71 15.22 -0.34
CA ASP A 279 -22.13 14.89 -0.46
CA ASP A 279 -22.14 14.88 -0.43
C ASP A 279 -22.31 13.39 -0.19
N LYS A 280 -21.32 12.77 0.42
CA LYS A 280 -21.38 11.33 0.65
C LYS A 280 -21.52 11.07 2.13
N PRO A 281 -21.95 9.86 2.50
CA PRO A 281 -21.93 9.51 3.93
C PRO A 281 -20.51 9.38 4.42
N LEU A 282 -20.30 9.20 5.73
CA LEU A 282 -19.00 9.39 6.35
C LEU A 282 -17.82 8.53 5.87
N LEU A 283 -18.03 7.23 5.64
CA LEU A 283 -16.97 6.39 5.15
C LEU A 283 -16.73 6.70 3.70
N GLN A 284 -17.83 6.87 2.99
CA GLN A 284 -17.75 7.07 1.57
C GLN A 284 -17.15 8.44 1.31
N LYS A 285 -17.50 9.39 2.16
CA LYS A 285 -17.01 10.72 2.01
C LYS A 285 -15.51 10.67 2.21
N SER A 286 -15.08 10.03 3.28
CA SER A 286 -13.68 9.95 3.68
C SER A 286 -12.86 9.30 2.61
N HIS A 287 -13.41 8.23 2.06
CA HIS A 287 -12.77 7.45 1.05
C HIS A 287 -12.64 8.29 -0.19
N CYS A 288 -13.73 8.93 -0.51
CA CYS A 288 -13.76 9.74 -1.68
C CYS A 288 -12.73 10.87 -1.58
N ILE A 289 -12.61 11.49 -0.42
CA ILE A 289 -11.65 12.57 -0.26
C ILE A 289 -10.28 11.93 -0.38
N ALA A 290 -10.13 10.75 0.20
CA ALA A 290 -8.83 10.07 0.18
C ALA A 290 -8.43 9.76 -1.24
N GLU A 291 -9.41 9.57 -2.11
CA GLU A 291 -9.12 9.08 -3.45
C GLU A 291 -9.37 10.18 -4.43
N VAL A 292 -9.62 11.35 -3.87
CA VAL A 292 -10.12 12.44 -4.65
C VAL A 292 -9.11 12.78 -5.70
N LYS A 293 -9.60 13.01 -6.90
CA LYS A 293 -8.77 13.39 -8.00
C LYS A 293 -8.26 14.75 -7.68
N GLU A 294 -7.12 15.05 -8.23
CA GLU A 294 -6.48 16.29 -7.91
C GLU A 294 -7.30 17.36 -8.48
N ASP A 295 -7.37 18.46 -7.72
CA ASP A 295 -8.10 19.61 -8.14
C ASP A 295 -7.38 20.23 -9.28
N ASP A 296 -8.06 21.10 -10.02
CA ASP A 296 -7.36 21.79 -11.08
C ASP A 296 -6.36 22.73 -10.47
N LEU A 297 -5.23 22.87 -11.12
CA LEU A 297 -4.31 23.90 -10.75
C LEU A 297 -5.04 25.22 -10.69
N PRO A 298 -4.81 25.97 -9.61
CA PRO A 298 -5.41 27.31 -9.60
C PRO A 298 -4.66 28.18 -10.61
N SER A 299 -5.31 29.22 -11.09
CA SER A 299 -4.68 30.09 -12.07
C SER A 299 -3.64 30.98 -11.44
N ASP A 300 -3.73 31.09 -10.11
CA ASP A 300 -2.93 31.95 -9.28
C ASP A 300 -1.85 31.20 -8.57
N LEU A 301 -1.50 30.02 -9.05
CA LEU A 301 -0.30 29.37 -8.55
C LEU A 301 0.81 30.40 -8.61
N PRO A 302 1.48 30.63 -7.48
CA PRO A 302 2.55 31.63 -7.48
C PRO A 302 3.76 31.12 -8.24
N ALA A 303 4.43 32.01 -8.95
CA ALA A 303 5.72 31.68 -9.48
C ALA A 303 6.54 31.32 -8.25
N LEU A 304 7.46 30.40 -8.41
CA LEU A 304 8.17 29.88 -7.27
C LEU A 304 9.58 30.41 -7.14
N ALA A 305 10.14 30.94 -8.23
CA ALA A 305 11.51 31.43 -8.21
C ALA A 305 11.67 32.50 -7.16
N ALA A 306 10.73 33.43 -7.11
CA ALA A 306 10.86 34.54 -6.18
C ALA A 306 11.10 34.08 -4.75
N ASP A 307 10.18 33.30 -4.21
CA ASP A 307 10.33 32.86 -2.83
C ASP A 307 11.42 31.82 -2.65
N PHE A 308 11.51 30.89 -3.59
CA PHE A 308 12.30 29.70 -3.33
C PHE A 308 13.63 29.64 -4.05
N ALA A 309 13.87 30.61 -4.90
CA ALA A 309 15.13 30.58 -5.60
C ALA A 309 15.78 31.94 -5.61
N GLU A 310 14.99 33.01 -5.62
CA GLU A 310 15.54 34.32 -5.92
C GLU A 310 15.67 35.15 -4.67
N ASP A 311 14.76 34.89 -3.73
CA ASP A 311 14.72 35.66 -2.50
C ASP A 311 16.06 35.58 -1.84
N LYS A 312 16.52 36.70 -1.34
CA LYS A 312 17.89 36.79 -0.95
C LYS A 312 18.05 36.31 0.49
N GLU A 313 16.94 35.95 1.11
CA GLU A 313 16.97 35.67 2.54
C GLU A 313 16.41 34.30 2.72
N ILE A 314 16.35 33.57 1.62
CA ILE A 314 15.94 32.18 1.63
C ILE A 314 16.71 31.42 2.66
N CYS A 315 18.00 31.67 2.78
CA CYS A 315 18.75 30.97 3.79
C CYS A 315 18.25 31.35 5.16
N LYS A 316 17.96 32.61 5.38
CA LYS A 316 17.36 33.02 6.63
C LYS A 316 16.06 32.25 6.85
N HIS A 317 15.12 32.31 5.92
CA HIS A 317 13.86 31.57 6.06
C HIS A 317 14.10 30.09 6.36
N TYR A 318 15.12 29.57 5.73
CA TYR A 318 15.41 28.16 5.73
C TYR A 318 16.05 27.75 7.04
N LYS A 319 16.82 28.63 7.67
CA LYS A 319 17.42 28.29 8.95
C LYS A 319 16.41 28.58 10.06
N ASP A 320 15.58 29.60 9.82
CA ASP A 320 14.68 30.15 10.83
C ASP A 320 13.46 29.25 10.97
N ALA A 321 13.10 28.64 9.86
CA ALA A 321 11.89 27.84 9.83
C ALA A 321 12.01 26.82 8.69
N LYS A 322 12.98 25.93 8.87
CA LYS A 322 13.24 24.87 7.91
CA LYS A 322 13.25 24.85 7.91
C LYS A 322 11.94 24.18 7.52
N ASP A 323 11.34 23.45 8.46
CA ASP A 323 10.18 22.65 8.14
C ASP A 323 9.03 23.38 7.45
N VAL A 324 8.74 24.59 7.93
CA VAL A 324 7.74 25.49 7.35
C VAL A 324 8.09 26.02 5.95
N PHE A 325 9.35 26.42 5.78
CA PHE A 325 9.81 26.96 4.51
C PHE A 325 9.81 25.86 3.45
N LEU A 326 10.31 24.71 3.86
CA LEU A 326 10.49 23.56 2.99
C LEU A 326 9.15 23.01 2.73
N GLY A 327 8.35 23.05 3.78
CA GLY A 327 7.02 22.51 3.75
C GLY A 327 6.26 23.28 2.73
N THR A 328 6.42 24.59 2.74
CA THR A 328 5.70 25.44 1.83
C THR A 328 6.29 25.27 0.45
N PHE A 329 7.58 24.98 0.37
CA PHE A 329 8.16 24.77 -0.93
C PHE A 329 7.52 23.54 -1.51
N LEU A 330 7.44 22.53 -0.69
CA LEU A 330 6.97 21.25 -1.06
C LEU A 330 5.53 21.43 -1.49
N TYR A 331 4.77 22.14 -0.69
CA TYR A 331 3.39 22.45 -1.03
C TYR A 331 3.31 23.13 -2.38
N GLU A 332 4.14 24.12 -2.62
CA GLU A 332 4.04 24.88 -3.85
C GLU A 332 4.38 24.06 -5.07
N TYR A 333 5.47 23.32 -4.93
CA TYR A 333 6.01 22.56 -6.05
C TYR A 333 5.02 21.45 -6.35
N SER A 334 4.56 20.84 -5.29
CA SER A 334 3.67 19.72 -5.39
C SER A 334 2.34 20.10 -5.97
N ARG A 335 1.77 21.18 -5.44
CA ARG A 335 0.50 21.63 -5.90
C ARG A 335 0.61 21.90 -7.37
N ARG A 336 1.73 22.47 -7.83
CA ARG A 336 1.88 22.65 -9.27
C ARG A 336 2.38 21.42 -9.99
N HIS A 337 2.66 20.36 -9.26
CA HIS A 337 3.16 19.18 -9.89
C HIS A 337 2.38 17.90 -9.60
N PRO A 338 1.10 17.88 -9.99
CA PRO A 338 0.37 16.62 -9.93
C PRO A 338 1.01 15.70 -10.94
N ASP A 339 1.74 16.26 -11.89
CA ASP A 339 2.37 15.47 -12.93
C ASP A 339 3.59 14.80 -12.39
N TYR A 340 3.90 15.01 -11.12
CA TYR A 340 5.03 14.32 -10.53
C TYR A 340 4.49 13.39 -9.48
N SER A 341 5.20 12.29 -9.28
CA SER A 341 4.92 11.43 -8.17
C SER A 341 5.18 12.18 -6.90
N VAL A 342 4.61 11.65 -5.83
CA VAL A 342 4.89 12.24 -4.56
C VAL A 342 6.36 12.01 -4.25
N SER A 343 6.86 10.80 -4.47
CA SER A 343 8.24 10.62 -4.11
C SER A 343 9.12 11.53 -4.96
N LEU A 344 8.75 11.81 -6.19
CA LEU A 344 9.58 12.75 -6.93
C LEU A 344 9.53 14.09 -6.26
N LEU A 345 8.36 14.51 -5.80
CA LEU A 345 8.27 15.80 -5.21
C LEU A 345 9.08 15.87 -3.95
N LEU A 346 9.15 14.75 -3.27
CA LEU A 346 9.86 14.68 -2.04
C LEU A 346 11.29 14.71 -2.37
N ARG A 347 11.68 14.10 -3.45
CA ARG A 347 13.10 14.03 -3.76
C ARG A 347 13.51 15.40 -4.13
N ILE A 348 12.61 16.08 -4.80
CA ILE A 348 12.83 17.41 -5.24
C ILE A 348 12.91 18.29 -4.02
N ALA A 349 12.09 18.03 -3.02
CA ALA A 349 12.03 18.85 -1.83
C ALA A 349 13.33 18.61 -1.11
N LYS A 350 13.76 17.36 -1.08
CA LYS A 350 14.96 16.97 -0.39
C LYS A 350 16.10 17.65 -1.10
N THR A 351 15.98 17.85 -2.40
CA THR A 351 17.10 18.32 -3.16
C THR A 351 17.09 19.81 -3.01
N TYR A 352 15.90 20.35 -2.85
CA TYR A 352 15.75 21.76 -2.68
C TYR A 352 16.38 22.09 -1.34
N GLU A 353 16.14 21.22 -0.40
CA GLU A 353 16.63 21.38 0.93
C GLU A 353 18.11 21.21 0.89
N ALA A 354 18.58 20.16 0.24
CA ALA A 354 19.99 19.86 0.15
C ALA A 354 20.65 21.06 -0.46
N THR A 355 19.95 21.72 -1.37
CA THR A 355 20.51 22.82 -2.10
C THR A 355 20.57 24.00 -1.21
N LEU A 356 19.60 24.20 -0.35
CA LEU A 356 19.76 25.31 0.57
C LEU A 356 20.88 25.01 1.55
N GLU A 357 20.88 23.80 2.10
CA GLU A 357 21.95 23.36 2.98
C GLU A 357 23.30 23.74 2.37
N LYS A 358 23.53 23.30 1.14
CA LYS A 358 24.75 23.58 0.43
C LYS A 358 24.92 25.08 0.30
N CYS A 359 24.01 25.69 -0.45
CA CYS A 359 24.04 27.09 -0.77
C CYS A 359 24.11 27.97 0.44
N CYS A 360 23.26 27.70 1.44
CA CYS A 360 23.26 28.58 2.61
C CYS A 360 24.51 28.47 3.46
N ALA A 361 25.23 27.36 3.36
CA ALA A 361 26.55 27.28 4.00
C ALA A 361 27.65 27.93 3.15
N GLU A 362 27.28 28.34 1.94
CA GLU A 362 28.23 28.93 1.02
C GLU A 362 28.27 30.44 1.19
N ALA A 363 29.27 31.05 0.56
CA ALA A 363 29.55 32.47 0.71
C ALA A 363 28.42 33.35 0.22
N ASP A 364 28.06 33.16 -1.05
CA ASP A 364 26.88 33.83 -1.58
C ASP A 364 25.81 32.79 -1.83
N PRO A 365 25.07 32.46 -0.78
CA PRO A 365 23.99 31.50 -0.94
C PRO A 365 23.04 31.87 -2.07
N PRO A 366 22.61 33.15 -2.20
CA PRO A 366 21.68 33.41 -3.31
C PRO A 366 22.16 33.01 -4.70
N ALA A 367 23.45 33.16 -4.96
CA ALA A 367 23.97 32.83 -6.29
C ALA A 367 23.85 31.33 -6.43
N CYS A 368 24.04 30.67 -5.30
CA CYS A 368 24.09 29.24 -5.28
C CYS A 368 22.71 28.58 -5.42
N TYR A 369 21.72 29.08 -4.71
CA TYR A 369 20.42 28.43 -4.73
C TYR A 369 19.56 29.00 -5.81
N ARG A 370 20.09 29.94 -6.58
CA ARG A 370 19.20 30.53 -7.55
C ARG A 370 18.91 29.49 -8.61
N THR A 371 19.79 28.52 -8.75
CA THR A 371 19.61 27.47 -9.71
C THR A 371 18.93 26.28 -9.06
N VAL A 372 18.37 26.47 -7.89
CA VAL A 372 17.89 25.31 -7.18
C VAL A 372 16.83 24.59 -7.98
N PHE A 373 15.98 25.32 -8.69
CA PHE A 373 14.88 24.65 -9.37
C PHE A 373 15.44 23.80 -10.50
N ASP A 374 16.63 24.16 -10.93
CA ASP A 374 17.25 23.45 -12.01
C ASP A 374 17.89 22.19 -11.55
N GLN A 375 18.07 22.07 -10.24
CA GLN A 375 18.60 20.85 -9.67
C GLN A 375 17.53 19.77 -9.70
N PHE A 376 16.32 20.15 -10.02
CA PHE A 376 15.22 19.20 -9.89
C PHE A 376 15.10 18.43 -11.15
N THR A 377 15.61 19.02 -12.20
CA THR A 377 15.45 18.47 -13.52
C THR A 377 15.85 17.01 -13.62
N PRO A 378 17.07 16.66 -13.19
CA PRO A 378 17.37 15.24 -13.30
C PRO A 378 16.52 14.38 -12.41
N LEU A 379 15.99 14.96 -11.34
CA LEU A 379 15.12 14.19 -10.49
C LEU A 379 13.90 13.92 -11.28
N VAL A 380 13.50 14.83 -12.13
CA VAL A 380 12.26 14.67 -12.83
C VAL A 380 12.47 13.75 -14.00
N GLU A 381 13.63 13.86 -14.64
CA GLU A 381 13.84 13.14 -15.86
C GLU A 381 13.97 11.67 -15.55
N GLU A 382 14.72 11.34 -14.50
CA GLU A 382 15.01 9.94 -14.22
C GLU A 382 13.72 9.12 -14.22
N PRO A 383 12.75 9.51 -13.39
CA PRO A 383 11.55 8.69 -13.34
C PRO A 383 10.70 8.88 -14.56
N LYS A 384 10.74 10.07 -15.17
CA LYS A 384 9.89 10.28 -16.35
C LYS A 384 10.35 9.31 -17.42
N SER A 385 11.66 9.08 -17.43
CA SER A 385 12.31 8.23 -18.38
C SER A 385 11.92 6.78 -18.08
N LEU A 386 11.84 6.45 -16.80
CA LEU A 386 11.48 5.11 -16.46
C LEU A 386 10.03 4.90 -16.78
N VAL A 387 9.22 5.92 -16.51
CA VAL A 387 7.81 5.80 -16.74
C VAL A 387 7.64 5.53 -18.23
N LYS A 388 8.39 6.26 -19.03
CA LYS A 388 8.32 6.09 -20.46
C LYS A 388 8.90 4.75 -20.88
N LYS A 389 10.10 4.44 -20.41
CA LYS A 389 10.73 3.17 -20.72
C LYS A 389 9.73 2.07 -20.38
N ASN A 390 9.22 2.15 -19.17
CA ASN A 390 8.45 1.02 -18.71
C ASN A 390 7.04 0.95 -19.22
N CYS A 391 6.42 2.13 -19.32
CA CYS A 391 5.13 2.19 -19.95
C CYS A 391 5.24 1.82 -21.40
N ASP A 392 6.34 2.18 -22.06
CA ASP A 392 6.52 1.74 -23.43
C ASP A 392 6.52 0.24 -23.42
N LEU A 393 7.31 -0.32 -22.51
CA LEU A 393 7.50 -1.74 -22.45
C LEU A 393 6.17 -2.36 -22.17
N PHE A 394 5.52 -1.84 -21.15
CA PHE A 394 4.24 -2.35 -20.78
C PHE A 394 3.32 -2.33 -21.98
N GLU A 395 3.28 -1.18 -22.65
CA GLU A 395 2.36 -1.02 -23.75
C GLU A 395 2.75 -1.94 -24.86
N GLU A 396 4.04 -2.22 -24.95
CA GLU A 396 4.55 -3.13 -25.95
C GLU A 396 4.16 -4.54 -25.57
N VAL A 397 4.43 -4.96 -24.35
CA VAL A 397 4.38 -6.39 -24.09
C VAL A 397 3.18 -6.80 -23.25
N GLY A 398 2.45 -5.82 -22.76
CA GLY A 398 1.29 -6.10 -21.95
C GLY A 398 1.69 -6.49 -20.54
N GLU A 399 0.69 -6.62 -19.70
CA GLU A 399 0.95 -6.70 -18.29
C GLU A 399 1.75 -7.92 -17.93
N TYR A 400 1.38 -9.08 -18.44
CA TYR A 400 2.06 -10.28 -18.02
C TYR A 400 3.55 -10.18 -18.28
N ASP A 401 3.91 -9.73 -19.46
CA ASP A 401 5.30 -9.68 -19.82
C ASP A 401 5.98 -8.55 -19.12
N PHE A 402 5.23 -7.51 -18.80
CA PHE A 402 5.75 -6.42 -18.08
C PHE A 402 6.09 -6.92 -16.69
N GLN A 403 5.19 -7.65 -16.07
CA GLN A 403 5.38 -8.24 -14.79
C GLN A 403 6.57 -9.12 -14.86
N ASN A 404 6.66 -9.94 -15.89
CA ASN A 404 7.81 -10.77 -16.09
C ASN A 404 9.04 -9.98 -16.09
N ALA A 405 9.03 -8.93 -16.89
CA ALA A 405 10.08 -7.95 -16.89
C ALA A 405 10.45 -7.55 -15.49
N LEU A 406 9.46 -7.18 -14.68
CA LEU A 406 9.72 -6.60 -13.41
C LEU A 406 10.22 -7.66 -12.48
N ILE A 407 9.75 -8.86 -12.69
CA ILE A 407 10.01 -9.98 -11.85
C ILE A 407 11.45 -10.32 -12.08
N VAL A 408 11.85 -10.34 -13.34
CA VAL A 408 13.23 -10.53 -13.70
C VAL A 408 14.06 -9.46 -13.11
N ARG A 409 13.66 -8.21 -13.29
CA ARG A 409 14.46 -7.11 -12.82
C ARG A 409 14.67 -7.17 -11.33
N TYR A 410 13.61 -7.54 -10.62
CA TYR A 410 13.61 -7.51 -9.17
C TYR A 410 14.24 -8.72 -8.59
N THR A 411 14.17 -9.82 -9.31
CA THR A 411 14.78 -11.04 -8.86
C THR A 411 16.21 -10.78 -9.07
N LYS A 412 16.55 -10.02 -10.10
CA LYS A 412 17.92 -9.67 -10.29
C LYS A 412 18.39 -8.75 -9.19
N LYS A 413 17.53 -7.82 -8.83
CA LYS A 413 17.93 -6.84 -7.89
C LYS A 413 17.98 -7.52 -6.55
N ALA A 414 17.09 -8.49 -6.36
CA ALA A 414 16.98 -9.09 -5.04
C ALA A 414 16.61 -10.56 -5.18
N PRO A 415 17.51 -11.34 -5.72
CA PRO A 415 17.28 -12.77 -5.99
C PRO A 415 17.08 -13.59 -4.73
N GLN A 416 17.45 -12.98 -3.62
CA GLN A 416 17.35 -13.63 -2.33
C GLN A 416 15.89 -13.60 -1.90
N VAL A 417 15.11 -12.78 -2.59
CA VAL A 417 13.76 -12.63 -2.16
C VAL A 417 13.04 -13.86 -2.59
N SER A 418 12.10 -14.30 -1.76
CA SER A 418 11.38 -15.50 -2.10
C SER A 418 10.68 -15.25 -3.44
N THR A 419 10.66 -16.29 -4.23
CA THR A 419 9.97 -16.25 -5.48
C THR A 419 8.56 -15.77 -5.30
N PRO A 420 7.83 -16.28 -4.29
CA PRO A 420 6.47 -15.75 -4.22
C PRO A 420 6.52 -14.27 -4.02
N THR A 421 7.50 -13.79 -3.29
CA THR A 421 7.51 -12.36 -3.10
C THR A 421 7.93 -11.62 -4.33
N LEU A 422 8.94 -12.10 -5.01
CA LEU A 422 9.32 -11.44 -6.24
C LEU A 422 8.16 -11.45 -7.21
N VAL A 423 7.40 -12.53 -7.23
CA VAL A 423 6.40 -12.70 -8.24
C VAL A 423 5.36 -11.71 -7.84
N GLU A 424 5.04 -11.67 -6.56
CA GLU A 424 4.04 -10.74 -6.10
C GLU A 424 4.43 -9.31 -6.43
N ILE A 425 5.67 -8.96 -6.11
CA ILE A 425 6.11 -7.62 -6.24
C ILE A 425 6.13 -7.30 -7.71
N GLY A 426 6.78 -8.10 -8.53
CA GLY A 426 6.87 -7.85 -9.96
C GLY A 426 5.48 -7.79 -10.58
N ARG A 427 4.60 -8.65 -10.17
CA ARG A 427 3.24 -8.61 -10.65
C ARG A 427 2.52 -7.34 -10.27
N THR A 428 2.78 -6.84 -9.09
CA THR A 428 2.11 -5.65 -8.60
C THR A 428 2.67 -4.49 -9.34
N LEU A 429 3.98 -4.50 -9.40
CA LEU A 429 4.76 -3.55 -10.19
C LEU A 429 4.25 -3.49 -11.61
N GLY A 430 3.99 -4.62 -12.25
CA GLY A 430 3.44 -4.63 -13.59
C GLY A 430 2.02 -4.12 -13.61
N LYS A 431 1.34 -4.36 -12.50
CA LYS A 431 -0.01 -3.79 -12.36
C LYS A 431 0.17 -2.30 -12.44
N VAL A 432 1.34 -1.76 -12.10
CA VAL A 432 1.53 -0.33 -12.33
C VAL A 432 1.43 -0.02 -13.79
N GLY A 433 1.88 -0.94 -14.62
CA GLY A 433 1.90 -0.65 -16.02
C GLY A 433 0.45 -0.48 -16.36
N SER A 434 -0.32 -1.46 -15.92
CA SER A 434 -1.73 -1.43 -16.29
CA SER A 434 -1.74 -1.43 -16.28
C SER A 434 -2.45 -0.20 -15.74
N ARG A 435 -2.15 0.16 -14.50
CA ARG A 435 -2.82 1.27 -13.85
C ARG A 435 -2.39 2.61 -14.42
N CYS A 436 -1.16 2.72 -14.83
CA CYS A 436 -0.59 4.03 -14.99
C CYS A 436 -0.21 4.29 -16.39
N CYS A 437 0.07 3.25 -17.15
CA CYS A 437 0.60 3.54 -18.46
C CYS A 437 -0.46 4.03 -19.40
N LYS A 438 -1.71 3.62 -19.16
CA LYS A 438 -2.83 3.98 -20.06
C LYS A 438 -3.26 5.40 -19.75
N LEU A 439 -2.98 5.83 -18.52
CA LEU A 439 -3.33 7.16 -18.07
C LEU A 439 -2.76 8.23 -18.97
N PRO A 440 -3.42 9.39 -18.98
CA PRO A 440 -2.90 10.62 -19.60
C PRO A 440 -1.44 10.79 -19.22
N GLU A 441 -0.59 11.17 -20.16
CA GLU A 441 0.84 11.09 -19.94
C GLU A 441 1.34 11.81 -18.70
N SER A 442 0.77 12.98 -18.39
CA SER A 442 1.14 13.73 -17.21
C SER A 442 0.77 12.99 -15.95
N GLU A 443 -0.02 11.93 -16.07
CA GLU A 443 -0.42 11.21 -14.87
C GLU A 443 0.36 9.94 -14.65
N ARG A 444 1.11 9.51 -15.65
CA ARG A 444 1.72 8.19 -15.57
C ARG A 444 2.81 8.20 -14.54
N LEU A 445 3.60 9.26 -14.56
CA LEU A 445 4.65 9.38 -13.60
C LEU A 445 4.10 9.37 -12.20
N PRO A 446 3.20 10.30 -11.86
CA PRO A 446 2.70 10.18 -10.49
C PRO A 446 2.09 8.83 -10.25
N CYS A 447 1.26 8.38 -11.17
CA CYS A 447 0.57 7.16 -10.93
C CYS A 447 1.61 6.07 -10.70
N SER A 448 2.57 6.00 -11.62
CA SER A 448 3.42 4.85 -11.62
C SER A 448 4.41 4.95 -10.50
N GLU A 449 4.98 6.10 -10.27
CA GLU A 449 5.87 6.11 -9.15
C GLU A 449 5.18 5.94 -7.82
N ASN A 450 4.02 6.58 -7.67
CA ASN A 450 3.29 6.42 -6.44
C ASN A 450 2.96 4.97 -6.29
N HIS A 451 2.59 4.34 -7.37
CA HIS A 451 2.13 2.99 -7.18
C HIS A 451 3.29 2.07 -6.96
N LEU A 452 4.41 2.36 -7.59
CA LEU A 452 5.58 1.59 -7.34
C LEU A 452 6.03 1.79 -5.93
N ALA A 453 5.78 2.95 -5.36
CA ALA A 453 6.15 3.20 -3.99
C ALA A 453 5.38 2.18 -3.20
N LEU A 454 4.16 1.90 -3.62
CA LEU A 454 3.35 1.00 -2.86
C LEU A 454 3.91 -0.39 -2.93
N ALA A 455 4.23 -0.84 -4.15
CA ALA A 455 4.72 -2.17 -4.33
C ALA A 455 6.10 -2.30 -3.68
N LEU A 456 6.88 -1.24 -3.77
CA LEU A 456 8.22 -1.32 -3.22
C LEU A 456 8.12 -1.40 -1.73
N ASN A 457 7.18 -0.65 -1.20
CA ASN A 457 6.96 -0.69 0.19
C ASN A 457 6.49 -2.04 0.63
N ARG A 458 5.60 -2.57 -0.17
CA ARG A 458 5.17 -3.93 0.03
C ARG A 458 6.40 -4.83 0.15
N LEU A 459 7.29 -4.68 -0.79
CA LEU A 459 8.49 -5.48 -0.80
C LEU A 459 9.28 -5.24 0.48
N CYS A 460 9.38 -3.98 0.82
CA CYS A 460 10.09 -3.57 1.99
C CYS A 460 9.44 -4.14 3.20
N VAL A 461 8.13 -4.02 3.24
CA VAL A 461 7.40 -4.51 4.37
C VAL A 461 7.66 -5.98 4.50
N LEU A 462 7.68 -6.66 3.38
CA LEU A 462 7.85 -8.10 3.37
C LEU A 462 9.27 -8.34 3.77
N HIS A 463 10.12 -7.49 3.26
CA HIS A 463 11.49 -7.58 3.62
C HIS A 463 11.78 -7.33 5.09
N GLU A 464 10.96 -6.52 5.76
CA GLU A 464 11.17 -6.28 7.16
C GLU A 464 11.12 -7.55 7.93
N LYS A 465 10.14 -8.35 7.51
CA LYS A 465 9.78 -9.60 8.13
C LYS A 465 10.78 -10.62 7.69
N THR A 466 11.09 -10.58 6.40
CA THR A 466 11.88 -11.62 5.80
C THR A 466 13.02 -11.00 5.04
N PRO A 467 13.99 -10.51 5.84
CA PRO A 467 15.07 -9.77 5.24
C PRO A 467 15.87 -10.83 4.56
N VAL A 468 16.07 -10.63 3.27
CA VAL A 468 16.92 -11.54 2.54
C VAL A 468 17.97 -10.79 1.76
N SER A 469 17.75 -9.51 1.50
CA SER A 469 18.67 -8.79 0.65
C SER A 469 19.04 -7.49 1.28
N GLU A 470 20.32 -7.20 1.25
CA GLU A 470 20.76 -5.96 1.84
C GLU A 470 20.46 -4.84 0.88
N LYS A 471 20.35 -5.18 -0.39
CA LYS A 471 20.08 -4.15 -1.39
C LYS A 471 18.66 -3.72 -1.10
N ILE A 472 17.81 -4.71 -0.85
CA ILE A 472 16.48 -4.38 -0.49
C ILE A 472 16.48 -3.59 0.77
N THR A 473 17.30 -3.98 1.73
CA THR A 473 17.16 -3.34 3.02
C THR A 473 17.49 -1.87 2.86
N LYS A 474 18.58 -1.63 2.17
CA LYS A 474 19.13 -0.32 1.96
C LYS A 474 18.08 0.50 1.26
N CYS A 475 17.55 -0.02 0.16
CA CYS A 475 16.61 0.78 -0.61
C CYS A 475 15.38 1.05 0.22
N CYS A 476 15.01 0.11 1.04
CA CYS A 476 13.82 0.20 1.86
C CYS A 476 14.01 1.05 3.07
N THR A 477 15.23 1.36 3.45
CA THR A 477 15.40 1.98 4.75
C THR A 477 16.15 3.26 4.57
N ASP A 478 16.83 3.38 3.44
CA ASP A 478 17.39 4.68 3.13
C ASP A 478 16.19 5.54 2.78
N SER A 479 16.41 6.78 2.36
CA SER A 479 15.32 7.74 2.31
C SER A 479 14.15 7.20 1.48
N LEU A 480 12.95 7.38 2.02
CA LEU A 480 11.75 6.82 1.49
C LEU A 480 11.46 7.43 0.12
N ALA A 481 11.70 8.73 0.02
CA ALA A 481 11.56 9.45 -1.23
C ALA A 481 12.38 8.78 -2.33
N GLU A 482 13.49 8.17 -1.94
CA GLU A 482 14.43 7.57 -2.89
C GLU A 482 14.26 6.10 -3.06
N ARG A 483 13.21 5.56 -2.46
CA ARG A 483 13.09 4.13 -2.38
C ARG A 483 12.97 3.62 -3.81
N ARG A 484 12.10 4.26 -4.55
CA ARG A 484 11.86 3.82 -5.90
C ARG A 484 13.11 4.04 -6.74
N PRO A 485 13.68 5.23 -6.70
CA PRO A 485 14.95 5.31 -7.43
C PRO A 485 15.98 4.31 -6.94
N CYS A 486 16.04 4.09 -5.63
CA CYS A 486 17.02 3.16 -5.12
C CYS A 486 16.77 1.80 -5.75
N PHE A 487 15.52 1.39 -5.74
CA PHE A 487 15.15 0.10 -6.26
C PHE A 487 15.41 0.03 -7.74
N SER A 488 14.98 1.07 -8.42
CA SER A 488 15.12 1.15 -9.87
C SER A 488 16.57 1.05 -10.18
N ALA A 489 17.37 1.74 -9.39
CA ALA A 489 18.81 1.73 -9.56
C ALA A 489 19.40 0.37 -9.23
N LEU A 490 18.76 -0.41 -8.37
CA LEU A 490 19.32 -1.73 -8.12
C LEU A 490 19.53 -2.48 -9.43
N GLU A 491 20.69 -3.12 -9.53
CA GLU A 491 20.95 -3.92 -10.69
C GLU A 491 21.09 -5.31 -10.22
N LEU A 492 21.59 -6.18 -11.08
CA LEU A 492 21.75 -7.53 -10.65
C LEU A 492 22.61 -7.56 -9.40
N ASP A 493 22.02 -8.08 -8.33
CA ASP A 493 22.82 -8.36 -7.17
C ASP A 493 23.89 -9.30 -7.66
N GLU A 494 25.11 -8.79 -7.82
CA GLU A 494 26.21 -9.61 -8.32
C GLU A 494 26.62 -10.61 -7.25
N GLY A 495 26.44 -10.24 -5.98
CA GLY A 495 26.88 -11.06 -4.87
C GLY A 495 26.05 -12.31 -4.75
N TYR A 496 24.89 -12.28 -5.39
CA TYR A 496 24.00 -13.41 -5.29
C TYR A 496 24.62 -14.63 -5.96
N VAL A 497 24.74 -15.68 -5.18
CA VAL A 497 25.12 -16.95 -5.72
C VAL A 497 23.85 -17.45 -6.31
N PRO A 498 23.88 -17.82 -7.59
CA PRO A 498 22.67 -18.32 -8.23
C PRO A 498 22.14 -19.47 -7.42
N LYS A 499 20.82 -19.46 -7.23
CA LYS A 499 20.13 -20.54 -6.57
C LYS A 499 20.49 -21.81 -7.30
N GLU A 500 20.77 -22.87 -6.55
CA GLU A 500 21.05 -24.13 -7.17
C GLU A 500 19.86 -24.45 -8.02
N PHE A 501 20.14 -25.11 -9.11
CA PHE A 501 19.12 -25.56 -9.99
C PHE A 501 18.28 -26.67 -9.39
N LYS A 502 16.97 -26.49 -9.35
CA LYS A 502 16.11 -27.59 -8.94
C LYS A 502 15.15 -27.77 -10.09
N ALA A 503 15.45 -28.72 -10.94
CA ALA A 503 14.62 -28.99 -12.10
C ALA A 503 13.15 -28.95 -11.76
N GLU A 504 12.81 -29.49 -10.60
CA GLU A 504 11.45 -29.62 -10.16
C GLU A 504 10.76 -28.27 -10.18
N THR A 505 11.53 -27.27 -9.83
CA THR A 505 11.04 -25.91 -9.70
C THR A 505 10.50 -25.41 -11.04
N PHE A 506 11.14 -25.85 -12.12
CA PHE A 506 10.82 -25.41 -13.46
C PHE A 506 10.03 -26.47 -14.12
N THR A 507 9.59 -27.41 -13.31
CA THR A 507 8.93 -28.55 -13.85
C THR A 507 7.46 -28.30 -13.65
N PHE A 508 6.75 -28.21 -14.75
CA PHE A 508 5.33 -28.04 -14.66
C PHE A 508 4.62 -29.36 -14.84
N HIS A 509 3.42 -29.39 -14.31
CA HIS A 509 2.61 -30.59 -14.43
C HIS A 509 1.22 -30.18 -14.83
N ALA A 510 0.41 -31.17 -15.15
CA ALA A 510 -0.93 -30.88 -15.61
C ALA A 510 -1.66 -29.95 -14.63
N ASP A 511 -1.21 -29.91 -13.38
CA ASP A 511 -1.89 -29.08 -12.37
C ASP A 511 -2.02 -27.62 -12.81
N ILE A 512 -0.99 -27.09 -13.47
CA ILE A 512 -1.01 -25.70 -13.88
C ILE A 512 -2.19 -25.40 -14.82
N CYS A 513 -2.71 -26.42 -15.49
CA CYS A 513 -3.73 -26.23 -16.52
C CYS A 513 -5.08 -25.84 -15.95
N THR A 514 -5.37 -26.38 -14.77
CA THR A 514 -6.64 -26.07 -14.12
C THR A 514 -6.62 -24.64 -13.60
N LEU A 515 -5.42 -24.15 -13.33
CA LEU A 515 -5.24 -22.81 -12.82
C LEU A 515 -5.92 -21.76 -13.68
N PRO A 516 -6.53 -20.76 -13.03
CA PRO A 516 -7.02 -19.59 -13.76
C PRO A 516 -5.78 -18.94 -14.34
N GLU A 517 -5.93 -18.17 -15.40
CA GLU A 517 -4.76 -17.66 -16.09
C GLU A 517 -3.88 -16.88 -15.16
N ASP A 518 -4.45 -16.15 -14.20
CA ASP A 518 -3.65 -15.36 -13.28
C ASP A 518 -2.71 -16.27 -12.52
N GLU A 519 -3.23 -17.38 -12.01
CA GLU A 519 -2.39 -18.26 -11.24
C GLU A 519 -1.46 -19.08 -12.14
N LYS A 520 -1.92 -19.39 -13.34
CA LYS A 520 -1.05 -20.01 -14.31
C LYS A 520 0.17 -19.10 -14.48
N GLN A 521 -0.11 -17.80 -14.59
CA GLN A 521 0.89 -16.82 -14.89
C GLN A 521 1.77 -16.76 -13.74
N ILE A 522 1.21 -16.78 -12.55
CA ILE A 522 1.99 -16.68 -11.37
C ILE A 522 2.93 -17.85 -11.28
N LYS A 523 2.48 -19.02 -11.68
CA LYS A 523 3.31 -20.20 -11.64
C LYS A 523 4.45 -19.97 -12.57
N LYS A 524 4.12 -19.47 -13.75
CA LYS A 524 5.13 -19.22 -14.78
C LYS A 524 6.06 -18.18 -14.28
N GLN A 525 5.55 -17.22 -13.55
CA GLN A 525 6.32 -16.07 -13.21
C GLN A 525 7.20 -16.48 -12.08
N SER A 526 6.79 -17.50 -11.37
CA SER A 526 7.55 -18.03 -10.25
C SER A 526 8.69 -18.75 -10.86
N ALA A 527 8.37 -19.50 -11.91
CA ALA A 527 9.37 -20.26 -12.62
C ALA A 527 10.33 -19.25 -13.09
N LEU A 528 9.81 -18.13 -13.55
CA LEU A 528 10.60 -17.09 -14.17
C LEU A 528 11.58 -16.56 -13.14
N ALA A 529 11.07 -16.23 -11.95
CA ALA A 529 11.88 -15.69 -10.89
C ALA A 529 12.95 -16.72 -10.62
N GLU A 530 12.58 -17.98 -10.69
CA GLU A 530 13.50 -19.04 -10.37
C GLU A 530 14.53 -19.17 -11.46
N LEU A 531 14.16 -18.81 -12.68
CA LEU A 531 15.08 -18.90 -13.76
C LEU A 531 16.09 -17.83 -13.49
N VAL A 532 15.61 -16.68 -13.02
CA VAL A 532 16.55 -15.61 -12.75
C VAL A 532 17.43 -16.01 -11.59
N LYS A 533 16.87 -16.63 -10.60
CA LYS A 533 17.65 -16.86 -9.40
C LYS A 533 18.70 -17.83 -9.74
N HIS A 534 18.36 -18.77 -10.60
CA HIS A 534 19.33 -19.77 -10.92
C HIS A 534 20.30 -19.24 -11.98
N LYS A 535 19.80 -18.39 -12.83
CA LYS A 535 20.61 -17.78 -13.84
C LYS A 535 20.49 -16.28 -13.75
N PRO A 536 21.02 -15.67 -12.68
CA PRO A 536 20.82 -14.25 -12.44
C PRO A 536 21.28 -13.35 -13.58
N LYS A 537 22.30 -13.78 -14.29
CA LYS A 537 22.89 -12.98 -15.34
C LYS A 537 22.19 -13.19 -16.63
N ALA A 538 21.27 -14.16 -16.66
CA ALA A 538 20.46 -14.34 -17.86
C ALA A 538 19.83 -13.01 -18.18
N THR A 539 19.98 -12.59 -19.41
CA THR A 539 19.36 -11.36 -19.77
C THR A 539 17.90 -11.60 -19.69
N LYS A 540 17.23 -10.50 -19.55
CA LYS A 540 15.81 -10.49 -19.43
C LYS A 540 15.14 -11.02 -20.69
N GLU A 541 15.86 -10.91 -21.79
CA GLU A 541 15.38 -11.35 -23.08
C GLU A 541 15.54 -12.86 -23.20
N GLN A 542 16.65 -13.38 -22.67
CA GLN A 542 16.84 -14.81 -22.63
C GLN A 542 15.75 -15.38 -21.79
N LEU A 543 15.51 -14.72 -20.68
CA LEU A 543 14.50 -15.19 -19.74
C LEU A 543 13.17 -15.17 -20.40
N LYS A 544 12.97 -14.17 -21.23
CA LYS A 544 11.69 -14.01 -21.84
C LYS A 544 11.48 -15.11 -22.80
N THR A 545 12.53 -15.47 -23.51
CA THR A 545 12.39 -16.48 -24.50
C THR A 545 12.18 -17.78 -23.79
N VAL A 546 12.95 -18.02 -22.74
CA VAL A 546 12.85 -19.27 -22.04
C VAL A 546 11.42 -19.39 -21.47
N LEU A 547 10.92 -18.31 -20.91
CA LEU A 547 9.60 -18.27 -20.31
C LEU A 547 8.56 -18.44 -21.39
N GLY A 548 8.81 -17.88 -22.54
CA GLY A 548 7.96 -18.10 -23.68
C GLY A 548 7.98 -19.57 -24.01
N ASN A 549 9.11 -20.21 -23.88
CA ASN A 549 9.20 -21.60 -24.23
C ASN A 549 8.38 -22.37 -23.23
N PHE A 550 8.46 -21.96 -21.98
CA PHE A 550 7.76 -22.62 -20.89
C PHE A 550 6.27 -22.41 -21.05
N SER A 551 5.87 -21.20 -21.35
CA SER A 551 4.50 -20.84 -21.56
C SER A 551 4.00 -21.67 -22.67
N ALA A 552 4.78 -21.77 -23.74
CA ALA A 552 4.41 -22.50 -24.95
C ALA A 552 4.15 -23.90 -24.54
N PHE A 553 5.10 -24.50 -23.83
CA PHE A 553 5.00 -25.90 -23.43
C PHE A 553 3.83 -26.11 -22.49
N VAL A 554 3.64 -25.17 -21.58
CA VAL A 554 2.53 -25.20 -20.65
C VAL A 554 1.21 -25.14 -21.40
N ALA A 555 1.09 -24.23 -22.36
CA ALA A 555 -0.14 -24.02 -23.08
C ALA A 555 -0.40 -25.28 -23.87
N LYS A 556 0.68 -25.82 -24.38
CA LYS A 556 0.61 -26.95 -25.27
C LYS A 556 0.05 -28.05 -24.44
N CYS A 557 0.83 -28.41 -23.43
CA CYS A 557 0.56 -29.57 -22.62
C CYS A 557 -0.76 -29.44 -21.90
N CYS A 558 -1.19 -28.22 -21.66
CA CYS A 558 -2.49 -28.02 -21.06
C CYS A 558 -3.57 -28.27 -22.07
N GLY A 559 -3.31 -27.95 -23.34
CA GLY A 559 -4.25 -28.21 -24.40
C GLY A 559 -4.16 -29.67 -24.84
N ARG A 560 -3.42 -30.45 -24.06
CA ARG A 560 -3.18 -31.83 -24.44
C ARG A 560 -4.25 -32.78 -24.04
N GLU A 561 -4.33 -33.87 -24.80
CA GLU A 561 -5.24 -34.95 -24.47
C GLU A 561 -4.80 -35.50 -23.14
N ASP A 562 -3.51 -35.81 -23.07
CA ASP A 562 -2.88 -36.24 -21.84
C ASP A 562 -1.96 -35.15 -21.39
N LYS A 563 -2.52 -34.26 -20.58
CA LYS A 563 -1.80 -33.07 -20.12
C LYS A 563 -0.53 -33.46 -19.41
N GLU A 564 -0.64 -34.37 -18.47
CA GLU A 564 0.53 -34.78 -17.76
C GLU A 564 1.57 -35.54 -18.56
N ALA A 565 1.18 -36.42 -19.48
CA ALA A 565 2.18 -37.12 -20.28
C ALA A 565 2.95 -36.06 -21.02
N CYS A 566 2.22 -35.03 -21.42
CA CYS A 566 2.81 -33.97 -22.17
C CYS A 566 3.85 -33.27 -21.33
N PHE A 567 3.43 -32.80 -20.17
CA PHE A 567 4.36 -32.15 -19.25
C PHE A 567 5.55 -32.99 -18.93
N ALA A 568 5.32 -34.26 -18.66
CA ALA A 568 6.36 -35.19 -18.27
C ALA A 568 7.36 -35.46 -19.39
N GLU A 569 6.89 -35.52 -20.63
CA GLU A 569 7.76 -35.75 -21.77
C GLU A 569 8.54 -34.52 -22.16
N GLU A 570 7.88 -33.39 -22.11
CA GLU A 570 8.40 -32.23 -22.80
C GLU A 570 9.13 -31.31 -21.85
N GLY A 571 8.57 -31.17 -20.66
CA GLY A 571 9.13 -30.34 -19.60
C GLY A 571 10.58 -30.55 -19.29
N PRO A 572 10.98 -31.80 -19.05
CA PRO A 572 12.38 -32.02 -18.66
C PRO A 572 13.35 -31.50 -19.70
N LYS A 573 13.06 -31.78 -20.95
CA LYS A 573 13.93 -31.34 -22.04
C LYS A 573 13.91 -29.83 -21.98
N LEU A 574 12.71 -29.29 -21.82
CA LEU A 574 12.55 -27.88 -21.73
C LEU A 574 13.26 -27.34 -20.51
N VAL A 575 13.07 -28.03 -19.38
CA VAL A 575 13.75 -27.62 -18.17
C VAL A 575 15.24 -27.59 -18.42
N ALA A 576 15.79 -28.67 -18.93
CA ALA A 576 17.23 -28.68 -19.20
C ALA A 576 17.66 -27.63 -20.25
N SER A 577 16.93 -27.54 -21.35
CA SER A 577 17.38 -26.70 -22.46
C SER A 577 17.29 -25.23 -22.08
N SER A 578 16.20 -24.89 -21.43
CA SER A 578 15.99 -23.51 -21.00
C SER A 578 17.14 -23.05 -20.11
N GLN A 579 17.75 -23.95 -19.37
CA GLN A 579 18.94 -23.57 -18.65
C GLN A 579 20.08 -23.14 -19.55
N LEU A 580 20.26 -23.87 -20.64
CA LEU A 580 21.33 -23.54 -21.56
C LEU A 580 21.02 -22.18 -22.17
N ALA A 581 19.72 -21.85 -22.22
CA ALA A 581 19.26 -20.62 -22.84
C ALA A 581 19.48 -19.44 -21.92
N LEU A 582 19.96 -19.74 -20.71
CA LEU A 582 20.07 -18.70 -19.70
C LEU A 582 21.53 -18.43 -19.35
N ALA A 583 22.42 -19.05 -20.09
CA ALA A 583 23.86 -18.78 -19.93
C ALA A 583 24.22 -17.33 -20.25
C DIU B . -6.64 8.91 3.53
O1 DIU B . -6.19 8.56 2.43
O2 DIU B . -6.50 8.24 4.56
O3 DIU B . -5.74 11.19 2.05
C1 DIU B . -7.35 10.23 3.62
C2 DIU B . -6.82 11.35 2.84
C3 DIU B . -7.50 12.64 2.93
C4 DIU B . -8.60 12.76 3.74
C5 DIU B . -9.06 11.69 4.45
C6 DIU B . -8.47 10.43 4.42
I1 DIU B . -6.87 14.31 1.90
I2 DIU B . -10.73 12.15 5.57
C DIU C . 10.59 0.65 -12.83
O1 DIU C . 11.65 0.88 -12.22
O2 DIU C . 10.27 -0.44 -13.28
O3 DIU C . 8.31 0.29 -14.43
C1 DIU C . 9.65 1.76 -13.05
C2 DIU C . 8.48 1.49 -13.88
C3 DIU C . 7.55 2.60 -14.08
C4 DIU C . 7.80 3.80 -13.48
C5 DIU C . 8.92 3.96 -12.72
C6 DIU C . 9.84 2.97 -12.47
I1 DIU C . 5.85 2.50 -15.22
I2 DIU C . 9.13 5.80 -11.88
C DIU D . -14.42 -12.52 0.08
O1 DIU D . -14.74 -13.67 -0.29
O2 DIU D . -14.63 -12.04 1.24
O3 DIU D . -13.89 -13.43 -2.60
C1 DIU D . -13.68 -11.71 -0.91
C2 DIU D . -13.43 -12.21 -2.22
C3 DIU D . -12.69 -11.41 -3.10
C4 DIU D . -12.26 -10.21 -2.70
C5 DIU D . -12.49 -9.72 -1.46
C6 DIU D . -13.20 -10.46 -0.51
I1 DIU D . -12.24 -12.02 -5.04
I2 DIU D . -11.71 -7.87 -1.00
C DIU E . 9.11 -8.26 -21.87
O1 DIU E . 9.67 -7.29 -22.34
O2 DIU E . 8.05 -8.64 -22.30
O3 DIU E . 8.74 -11.12 -21.13
C1 DIU E . 9.86 -9.00 -20.86
C2 DIU E . 9.68 -10.34 -20.56
C3 DIU E . 10.49 -10.94 -19.62
C4 DIU E . 11.48 -10.22 -18.97
C5 DIU E . 11.66 -8.89 -19.31
C6 DIU E . 10.85 -8.30 -20.25
I1 DIU E . 10.19 -12.93 -19.19
I2 DIU E . 13.07 -7.73 -18.30
C1 MLI F . -7.45 2.90 19.69
C2 MLI F . -8.06 1.76 18.88
C3 MLI F . -7.74 4.33 19.22
O6 MLI F . -7.59 0.61 19.06
O7 MLI F . -8.99 1.96 18.09
O8 MLI F . -8.50 4.49 18.27
O9 MLI F . -7.20 5.30 19.84
C1 MLI G . 21.12 -26.43 -14.79
C2 MLI G . 21.70 -27.63 -14.02
C3 MLI G . 22.14 -25.41 -15.25
O6 MLI G . 21.24 -28.79 -14.25
O7 MLI G . 22.60 -27.44 -13.16
O8 MLI G . 22.88 -25.68 -16.22
O9 MLI G . 22.24 -24.31 -14.68
C1 MLI H . 14.28 0.43 -13.82
C2 MLI H . 15.03 -0.76 -13.22
C3 MLI H . 14.13 0.44 -15.33
O6 MLI H . 14.44 -1.47 -12.39
O7 MLI H . 16.21 -1.01 -13.57
O8 MLI H . 15.15 0.64 -16.07
O9 MLI H . 12.99 0.30 -15.82
C1 MLI I . 5.58 8.74 3.19
C2 MLI I . 6.26 8.39 1.87
C3 MLI I . 4.09 8.41 3.26
O6 MLI I . 7.34 8.98 1.60
O7 MLI I . 5.73 7.55 1.11
O8 MLI I . 3.63 7.48 2.64
O9 MLI I . 3.31 9.10 3.95
C1 MLI J . -0.35 -1.20 -5.13
C2 MLI J . -0.12 -2.51 -4.46
C3 MLI J . 0.32 -0.98 -6.46
O6 MLI J . -1.04 -3.33 -4.50
O7 MLI J . 0.95 -2.75 -3.86
O8 MLI J . -0.34 -0.79 -7.53
O9 MLI J . 1.53 -0.96 -6.40
C1 MLI K . 10.99 16.10 1.93
C2 MLI K . 11.12 17.51 2.54
C3 MLI K . 10.98 14.92 2.89
O6 MLI K . 12.25 17.94 2.95
O7 MLI K . 10.12 18.27 2.59
O8 MLI K . 11.03 13.74 2.42
O9 MLI K . 10.91 15.11 4.14
C1 MLI L . -14.38 6.41 9.92
C2 MLI L . -15.69 6.37 10.70
C3 MLI L . -14.32 7.42 8.79
O6 MLI L . -16.38 5.33 10.68
O7 MLI L . -16.04 7.36 11.37
O8 MLI L . -15.35 8.07 8.52
O9 MLI L . -13.24 7.59 8.17
C FMT M . -6.90 -9.49 -0.29
O1 FMT M . -6.07 -9.62 0.58
O2 FMT M . -7.62 -10.55 -0.58
C FMT N . 11.11 -19.64 -3.28
O1 FMT N . 11.77 -18.65 -2.98
O2 FMT N . 11.55 -20.54 -4.17
C FMT O . -1.61 8.11 -3.21
O1 FMT O . -2.30 9.04 -3.61
O2 FMT O . -1.31 7.12 -4.03
C FMT P . 15.36 -18.21 -2.57
O1 FMT P . 15.92 -17.16 -2.89
O2 FMT P . 14.72 -18.87 -3.52
C FMT Q . 2.43 -14.86 -2.33
O1 FMT Q . 3.10 -13.84 -2.20
O2 FMT Q . 1.18 -14.96 -1.84
C FMT R . 6.78 19.26 4.53
O1 FMT R . 7.93 19.16 4.09
O2 FMT R . 6.44 18.68 5.66
C FMT S . -0.70 -11.47 2.27
O1 FMT S . -0.05 -10.47 2.06
O2 FMT S . -0.13 -12.49 2.88
C FMT T . -3.32 -13.03 1.51
O1 FMT T . -3.07 -13.13 2.71
O2 FMT T . -4.52 -13.31 0.99
C ACT U . 17.71 -4.26 -13.49
O ACT U . 16.62 -3.66 -13.40
OXT ACT U . 18.60 -3.67 -14.16
CH3 ACT U . 17.98 -5.59 -12.83
#